data_6J5F
#
_entry.id   6J5F
#
_cell.length_a   92.668
_cell.length_b   95.461
_cell.length_c   99.970
_cell.angle_alpha   90.00
_cell.angle_beta   90.00
_cell.angle_gamma   90.00
#
_symmetry.space_group_name_H-M   'I 2 2 2'
#
loop_
_entity.id
_entity.type
_entity.pdbx_description
1 polymer 'Envelope protein'
2 polymer 'antibody heavy chain'
3 polymer 'antibody light chain'
4 water water
#
loop_
_entity_poly.entity_id
_entity_poly.type
_entity_poly.pdbx_seq_one_letter_code
_entity_poly.pdbx_strand_id
1 'polypeptide(L)'
;GLTYTMCDKTKFTWKRAPTDSGHDTVVMEVTFSGTKPCRIPVRAVAHGSPDVNVAMLITPNPTIENNGGGFIEMQLPPGD
NIIYVGELSHQWFQKGSSIGR
;
A
2 'polypeptide(L)'
;QVQLQQSGPELVKPGASVKMSCKASGYTFTDYVIGWVKQRTGQGLEWIGEIYPGSGTTYYNEKFKDKATLTADKSSNTAY
MQLSSLTSEDSAVYFCARGEDGYYIALDYWGQGTTVTVSS
;
H
3 'polypeptide(L)'
;DIELTQSPASLSASVGETVTITCRASGNIHNYLAWYQQKQGKSPQLLVYKAQTLADGVPSRFSGSGSGTQYSLKINSLQP
EDFGSYYCQHFWSTPPWTFGGGTKLEIKR
;
L
#
# COMPACT_ATOMS: atom_id res chain seq x y z
N TYR A 4 -0.53 -20.62 -10.79
CA TYR A 4 -1.18 -19.69 -9.89
C TYR A 4 -1.37 -18.33 -10.58
N THR A 5 -1.65 -17.28 -9.82
CA THR A 5 -1.67 -15.95 -10.40
C THR A 5 -0.27 -15.35 -10.39
N MET A 6 -0.11 -14.26 -11.13
CA MET A 6 1.17 -13.57 -11.23
C MET A 6 1.39 -12.73 -9.98
N CYS A 7 2.59 -12.83 -9.40
CA CYS A 7 2.92 -12.02 -8.23
C CYS A 7 2.89 -10.54 -8.57
N ASP A 8 2.27 -9.76 -7.69
CA ASP A 8 2.23 -8.30 -7.81
C ASP A 8 3.63 -7.75 -8.01
N LYS A 9 3.84 -7.04 -9.13
CA LYS A 9 5.17 -6.54 -9.49
C LYS A 9 5.69 -5.48 -8.53
N THR A 10 4.84 -4.94 -7.67
CA THR A 10 5.22 -3.84 -6.78
C THR A 10 5.52 -4.31 -5.35
N LYS A 11 5.57 -5.61 -5.11
CA LYS A 11 5.62 -6.12 -3.74
C LYS A 11 6.84 -7.03 -3.49
N PHE A 12 7.95 -6.76 -4.16
CA PHE A 12 9.18 -7.50 -3.95
C PHE A 12 10.24 -6.63 -3.30
N THR A 13 11.04 -7.24 -2.43
CA THR A 13 12.22 -6.61 -1.87
C THR A 13 13.35 -7.62 -1.85
N TRP A 14 14.58 -7.13 -1.86
CA TRP A 14 15.75 -8.01 -1.86
C TRP A 14 15.96 -8.57 -0.46
N LYS A 15 15.93 -9.89 -0.34
CA LYS A 15 16.46 -10.54 0.84
C LYS A 15 17.95 -10.83 0.66
N ARG A 16 18.33 -11.28 -0.53
CA ARG A 16 19.73 -11.45 -0.93
C ARG A 16 19.83 -10.96 -2.36
N ALA A 17 20.53 -9.84 -2.56
CA ALA A 17 20.69 -9.27 -3.89
C ALA A 17 21.44 -10.24 -4.79
N PRO A 18 21.32 -10.08 -6.12
CA PRO A 18 22.03 -10.98 -7.04
C PRO A 18 23.52 -11.04 -6.74
N THR A 19 24.09 -12.24 -6.83
CA THR A 19 25.48 -12.46 -6.47
C THR A 19 25.98 -13.71 -7.19
N ASP A 20 27.31 -13.78 -7.34
CA ASP A 20 27.91 -14.96 -7.95
C ASP A 20 27.64 -16.18 -7.09
N SER A 21 27.30 -17.29 -7.76
CA SER A 21 27.01 -18.52 -7.04
C SER A 21 28.26 -19.33 -6.73
N GLY A 22 29.34 -19.12 -7.48
CA GLY A 22 30.51 -19.96 -7.40
C GLY A 22 30.55 -21.06 -8.44
N HIS A 23 29.40 -21.42 -9.01
CA HIS A 23 29.33 -22.35 -10.12
C HIS A 23 28.79 -21.67 -11.37
N ASP A 24 29.28 -20.46 -11.64
CA ASP A 24 29.05 -19.74 -12.90
C ASP A 24 27.56 -19.45 -13.12
N THR A 25 26.81 -19.20 -12.05
CA THR A 25 25.45 -18.73 -12.15
C THR A 25 25.25 -17.53 -11.22
N VAL A 26 24.08 -16.92 -11.32
CA VAL A 26 23.70 -15.78 -10.50
C VAL A 26 22.51 -16.21 -9.63
N VAL A 27 22.66 -16.08 -8.32
CA VAL A 27 21.62 -16.47 -7.38
C VAL A 27 21.13 -15.26 -6.63
N MET A 28 19.87 -15.31 -6.20
CA MET A 28 19.25 -14.20 -5.49
C MET A 28 18.06 -14.72 -4.70
N GLU A 29 17.60 -13.92 -3.76
CA GLU A 29 16.43 -14.27 -2.97
C GLU A 29 15.61 -13.01 -2.70
N VAL A 30 14.30 -13.11 -2.88
CA VAL A 30 13.39 -11.99 -2.69
C VAL A 30 12.37 -12.34 -1.62
N THR A 31 11.88 -11.31 -0.94
CA THR A 31 10.75 -11.41 -0.03
C THR A 31 9.55 -10.73 -0.68
N PHE A 32 8.41 -11.41 -0.69
CA PHE A 32 7.23 -10.96 -1.40
C PHE A 32 6.11 -10.64 -0.41
N SER A 33 5.40 -9.55 -0.65
CA SER A 33 4.41 -9.03 0.28
C SER A 33 3.03 -8.89 -0.38
N GLY A 34 2.65 -9.85 -1.21
CA GLY A 34 1.32 -9.87 -1.78
C GLY A 34 0.62 -11.19 -1.49
N THR A 35 -0.36 -11.56 -2.30
CA THR A 35 -1.08 -12.80 -2.07
C THR A 35 -0.17 -14.00 -2.33
N LYS A 36 -0.36 -15.04 -1.54
CA LYS A 36 0.46 -16.25 -1.62
C LYS A 36 -0.44 -17.48 -1.66
N PRO A 37 -0.11 -18.48 -2.49
CA PRO A 37 1.07 -18.51 -3.36
C PRO A 37 0.89 -17.77 -4.68
N CYS A 38 1.99 -17.44 -5.36
CA CYS A 38 1.93 -16.76 -6.65
C CYS A 38 3.18 -17.09 -7.46
N ARG A 39 3.14 -16.72 -8.72
CA ARG A 39 4.17 -17.07 -9.69
C ARG A 39 4.97 -15.83 -10.05
N ILE A 40 6.29 -15.92 -9.92
CA ILE A 40 7.16 -14.75 -9.96
C ILE A 40 7.50 -14.34 -11.39
N PRO A 41 7.22 -13.10 -11.79
CA PRO A 41 7.74 -12.60 -13.07
C PRO A 41 9.20 -12.17 -12.95
N VAL A 42 10.11 -12.90 -13.46
CA VAL A 42 11.48 -12.52 -13.38
C VAL A 42 12.06 -12.46 -14.77
N ARG A 43 12.92 -11.52 -15.00
CA ARG A 43 13.55 -11.33 -16.31
C ARG A 43 14.81 -10.51 -16.14
N ALA A 44 15.54 -10.35 -17.23
CA ALA A 44 16.72 -9.50 -17.25
C ALA A 44 16.88 -8.96 -18.66
N VAL A 45 17.43 -7.75 -18.75
CA VAL A 45 17.59 -7.07 -20.03
C VAL A 45 19.04 -6.64 -20.19
N ALA A 46 19.53 -6.70 -21.42
CA ALA A 46 20.78 -6.03 -21.75
C ALA A 46 20.52 -4.53 -21.80
N HIS A 47 21.38 -3.76 -21.12
CA HIS A 47 21.14 -2.34 -20.91
C HIS A 47 20.82 -1.65 -22.24
N GLY A 48 19.72 -0.89 -22.25
CA GLY A 48 19.27 -0.19 -23.43
C GLY A 48 18.35 -0.98 -24.34
N SER A 49 18.15 -2.28 -24.07
CA SER A 49 17.29 -3.13 -24.88
C SER A 49 16.27 -3.82 -23.98
N PRO A 50 15.28 -3.08 -23.49
CA PRO A 50 14.36 -3.63 -22.49
C PRO A 50 13.36 -4.63 -23.05
N ASP A 51 13.28 -4.78 -24.37
CA ASP A 51 12.22 -5.60 -24.97
C ASP A 51 12.48 -7.09 -24.77
N VAL A 52 13.74 -7.52 -24.70
CA VAL A 52 14.11 -8.93 -24.81
C VAL A 52 14.66 -9.42 -23.48
N ASN A 53 14.11 -10.53 -22.99
CA ASN A 53 14.57 -11.17 -21.76
C ASN A 53 15.81 -12.00 -22.06
N VAL A 54 16.96 -11.57 -21.52
CA VAL A 54 18.21 -12.29 -21.74
C VAL A 54 18.53 -13.26 -20.61
N ALA A 55 17.66 -13.37 -19.60
CA ALA A 55 17.92 -14.26 -18.48
C ALA A 55 17.74 -15.71 -18.90
N MET A 56 18.73 -16.54 -18.58
CA MET A 56 18.63 -17.99 -18.74
C MET A 56 18.28 -18.56 -17.37
N LEU A 57 17.02 -18.77 -17.14
CA LEU A 57 16.58 -19.27 -15.87
C LEU A 57 16.92 -20.69 -15.58
N ILE A 58 17.57 -20.95 -14.48
CA ILE A 58 17.76 -22.33 -14.06
C ILE A 58 16.67 -22.77 -13.11
N THR A 59 16.24 -21.89 -12.21
CA THR A 59 15.10 -22.16 -11.33
C THR A 59 13.85 -22.37 -12.19
N PRO A 60 13.27 -23.58 -12.19
CA PRO A 60 12.08 -23.83 -13.00
C PRO A 60 10.84 -23.28 -12.30
N ASN A 61 10.08 -22.48 -13.04
CA ASN A 61 8.80 -21.94 -12.59
C ASN A 61 8.89 -21.32 -11.19
N PRO A 62 9.71 -20.28 -11.01
CA PRO A 62 9.91 -19.72 -9.67
C PRO A 62 8.59 -19.23 -9.07
N THR A 63 8.37 -19.58 -7.80
CA THR A 63 7.08 -19.41 -7.15
C THR A 63 7.28 -18.99 -5.72
N ILE A 64 6.48 -18.04 -5.26
CA ILE A 64 6.36 -17.75 -3.83
C ILE A 64 5.31 -18.68 -3.27
N GLU A 65 5.71 -19.53 -2.32
CA GLU A 65 4.77 -20.38 -1.61
C GLU A 65 4.34 -19.68 -0.33
N ASN A 66 3.43 -20.30 0.43
CA ASN A 66 2.97 -19.69 1.67
C ASN A 66 4.11 -19.58 2.68
N ASN A 67 4.95 -20.61 2.78
CA ASN A 67 6.08 -20.62 3.70
C ASN A 67 7.36 -21.01 2.97
N GLY A 68 7.65 -20.34 1.87
CA GLY A 68 8.85 -20.61 1.13
C GLY A 68 8.79 -20.00 -0.26
N GLY A 69 9.81 -20.31 -1.04
CA GLY A 69 9.98 -19.71 -2.35
C GLY A 69 10.67 -18.36 -2.27
N GLY A 70 11.13 -17.90 -3.42
CA GLY A 70 11.85 -16.65 -3.52
C GLY A 70 13.30 -16.79 -3.91
N PHE A 71 13.83 -18.01 -3.94
CA PHE A 71 15.18 -18.24 -4.44
C PHE A 71 15.14 -18.36 -5.96
N ILE A 72 16.02 -17.62 -6.63
CA ILE A 72 16.05 -17.60 -8.09
C ILE A 72 17.50 -17.72 -8.55
N GLU A 73 17.72 -18.61 -9.51
CA GLU A 73 19.04 -18.83 -10.10
C GLU A 73 18.94 -18.70 -11.61
N MET A 74 19.91 -17.99 -12.21
CA MET A 74 19.86 -17.70 -13.63
C MET A 74 21.27 -17.56 -14.17
N GLN A 75 21.37 -17.47 -15.49
CA GLN A 75 22.62 -17.14 -16.16
C GLN A 75 22.38 -15.96 -17.09
N LEU A 76 23.40 -15.13 -17.25
CA LEU A 76 23.27 -13.88 -17.98
C LEU A 76 24.37 -13.74 -19.01
N PRO A 77 24.08 -13.11 -20.16
CA PRO A 77 25.11 -12.91 -21.16
C PRO A 77 26.08 -11.84 -20.73
N PRO A 78 27.32 -11.86 -21.21
CA PRO A 78 28.30 -10.84 -20.83
C PRO A 78 27.82 -9.44 -21.17
N GLY A 79 28.29 -8.47 -20.39
CA GLY A 79 27.98 -7.09 -20.60
C GLY A 79 27.17 -6.51 -19.45
N ASP A 80 26.59 -5.34 -19.69
CA ASP A 80 25.85 -4.62 -18.68
C ASP A 80 24.37 -4.99 -18.77
N ASN A 81 23.84 -5.59 -17.71
CA ASN A 81 22.48 -6.10 -17.66
C ASN A 81 21.75 -5.46 -16.48
N ILE A 82 20.43 -5.61 -16.49
CA ILE A 82 19.60 -5.30 -15.33
C ILE A 82 18.69 -6.49 -15.07
N ILE A 83 18.66 -6.93 -13.81
CA ILE A 83 17.79 -8.02 -13.37
C ILE A 83 16.54 -7.43 -12.75
N TYR A 84 15.38 -7.98 -13.12
CA TYR A 84 14.08 -7.54 -12.62
C TYR A 84 13.34 -8.72 -12.01
N VAL A 85 12.92 -8.55 -10.76
CA VAL A 85 11.90 -9.40 -10.14
C VAL A 85 10.69 -8.50 -9.94
N GLY A 86 9.65 -8.71 -10.76
CA GLY A 86 8.64 -7.68 -10.87
C GLY A 86 9.30 -6.39 -11.30
N GLU A 87 9.00 -5.31 -10.58
CA GLU A 87 9.66 -4.04 -10.83
C GLU A 87 10.87 -3.82 -9.94
N LEU A 88 11.14 -4.72 -8.99
CA LEU A 88 12.38 -4.64 -8.23
C LEU A 88 13.56 -4.93 -9.17
N SER A 89 14.57 -4.07 -9.14
CA SER A 89 15.66 -4.19 -10.09
C SER A 89 17.01 -4.15 -9.40
N HIS A 90 18.00 -4.74 -10.05
CA HIS A 90 19.40 -4.61 -9.65
C HIS A 90 20.29 -4.72 -10.88
N GLN A 91 21.25 -3.81 -10.99
CA GLN A 91 22.23 -3.87 -12.06
C GLN A 91 23.07 -5.14 -11.92
N TRP A 92 23.49 -5.68 -13.07
CA TRP A 92 24.38 -6.85 -13.07
C TRP A 92 25.36 -6.73 -14.22
N PHE A 93 26.62 -6.43 -13.90
CA PHE A 93 27.68 -6.55 -14.90
C PHE A 93 28.12 -8.01 -14.95
N GLN A 94 28.05 -8.61 -16.14
CA GLN A 94 28.46 -9.99 -16.35
C GLN A 94 29.80 -10.02 -17.06
N LYS A 95 30.81 -10.52 -16.37
CA LYS A 95 32.15 -10.62 -16.95
C LYS A 95 32.14 -11.53 -18.17
N GLY A 96 33.02 -11.23 -19.13
CA GLY A 96 33.13 -12.05 -20.32
C GLY A 96 33.64 -13.45 -20.01
N SER A 97 33.53 -14.31 -21.01
CA SER A 97 33.93 -15.71 -20.87
C SER A 97 35.43 -15.85 -20.61
N GLN B 1 -22.79 -0.26 -7.23
CA GLN B 1 -21.53 0.41 -6.96
C GLN B 1 -20.84 -0.20 -5.73
N VAL B 2 -19.52 0.01 -5.65
CA VAL B 2 -18.72 -0.59 -4.58
C VAL B 2 -19.09 0.04 -3.25
N GLN B 3 -19.36 -0.81 -2.25
CA GLN B 3 -19.66 -0.35 -0.90
C GLN B 3 -18.98 -1.25 0.12
N LEU B 4 -18.41 -0.62 1.14
CA LEU B 4 -17.88 -1.28 2.33
C LEU B 4 -18.67 -0.76 3.52
N GLN B 5 -19.49 -1.63 4.11
CA GLN B 5 -20.37 -1.26 5.21
C GLN B 5 -19.77 -1.78 6.51
N GLN B 6 -19.42 -0.87 7.42
CA GLN B 6 -18.82 -1.25 8.66
C GLN B 6 -19.82 -1.36 9.83
N SER B 7 -19.40 -2.12 10.83
CA SER B 7 -20.24 -2.39 11.97
C SER B 7 -20.27 -1.18 12.92
N GLY B 8 -21.18 -1.25 13.90
CA GLY B 8 -21.50 -0.10 14.74
C GLY B 8 -20.46 0.17 15.79
N PRO B 9 -20.57 1.34 16.42
CA PRO B 9 -19.58 1.76 17.41
C PRO B 9 -19.60 0.88 18.65
N GLU B 10 -18.43 0.75 19.27
CA GLU B 10 -18.26 -0.03 20.48
C GLU B 10 -17.75 0.86 21.60
N LEU B 11 -18.33 0.72 22.81
CA LEU B 11 -17.96 1.47 24.01
C LEU B 11 -17.68 0.37 25.05
N VAL B 12 -16.42 0.19 25.43
CA VAL B 12 -16.03 -0.99 26.19
C VAL B 12 -15.05 -0.62 27.30
N LYS B 13 -14.89 -1.56 28.25
CA LYS B 13 -14.00 -1.43 29.39
C LYS B 13 -12.56 -1.74 29.00
N PRO B 14 -11.59 -1.20 29.74
CA PRO B 14 -10.20 -1.65 29.56
C PRO B 14 -10.09 -3.15 29.76
N GLY B 15 -9.31 -3.80 28.89
CA GLY B 15 -9.12 -5.23 28.95
C GLY B 15 -10.07 -6.05 28.10
N ALA B 16 -11.16 -5.45 27.63
CA ALA B 16 -12.10 -6.17 26.77
C ALA B 16 -11.51 -6.36 25.38
N SER B 17 -12.20 -7.18 24.58
CA SER B 17 -11.89 -7.36 23.18
C SER B 17 -13.09 -6.96 22.35
N VAL B 18 -12.84 -6.49 21.13
CA VAL B 18 -13.92 -6.14 20.23
C VAL B 18 -13.66 -6.81 18.88
N LYS B 19 -14.73 -7.18 18.20
CA LYS B 19 -14.66 -7.72 16.84
C LYS B 19 -15.57 -6.87 15.96
N MET B 20 -14.98 -6.25 14.95
CA MET B 20 -15.73 -5.40 14.03
C MET B 20 -15.69 -6.04 12.64
N SER B 21 -16.68 -5.67 11.82
CA SER B 21 -16.86 -6.27 10.51
C SER B 21 -16.92 -5.21 9.43
N CYS B 22 -16.66 -5.67 8.21
CA CYS B 22 -16.60 -4.82 7.01
C CYS B 22 -17.22 -5.68 5.90
N LYS B 23 -18.48 -5.40 5.56
CA LYS B 23 -19.21 -6.19 4.58
C LYS B 23 -19.08 -5.52 3.22
N ALA B 24 -18.60 -6.28 2.23
CA ALA B 24 -18.34 -5.77 0.90
C ALA B 24 -19.50 -6.10 -0.03
N SER B 25 -19.82 -5.16 -0.91
CA SER B 25 -20.85 -5.41 -1.91
C SER B 25 -20.56 -4.55 -3.14
N GLY B 26 -21.09 -5.01 -4.28
CA GLY B 26 -20.89 -4.30 -5.52
C GLY B 26 -19.72 -4.77 -6.36
N TYR B 27 -18.95 -5.75 -5.87
CA TYR B 27 -17.83 -6.28 -6.64
C TYR B 27 -17.61 -7.74 -6.24
N THR B 28 -16.55 -8.33 -6.80
CA THR B 28 -16.13 -9.69 -6.47
C THR B 28 -15.18 -9.60 -5.27
N PHE B 29 -15.61 -10.05 -4.15
CA PHE B 29 -14.83 -9.98 -2.94
C PHE B 29 -13.38 -10.46 -3.02
N THR B 30 -13.14 -11.62 -3.61
CA THR B 30 -11.82 -12.23 -3.57
C THR B 30 -10.82 -11.61 -4.55
N ASP B 31 -11.23 -10.64 -5.36
CA ASP B 31 -10.31 -9.97 -6.26
C ASP B 31 -9.65 -8.74 -5.64
N TYR B 32 -9.93 -8.45 -4.37
CA TYR B 32 -9.47 -7.20 -3.76
C TYR B 32 -9.03 -7.41 -2.32
N VAL B 33 -7.93 -6.76 -1.98
CA VAL B 33 -7.43 -6.69 -0.61
C VAL B 33 -8.38 -5.86 0.26
N ILE B 34 -8.52 -6.24 1.52
CA ILE B 34 -9.15 -5.40 2.52
C ILE B 34 -8.08 -4.98 3.51
N GLY B 35 -7.82 -3.68 3.59
CA GLY B 35 -6.88 -3.13 4.54
C GLY B 35 -7.57 -2.40 5.67
N TRP B 36 -6.89 -2.22 6.79
CA TRP B 36 -7.46 -1.60 7.97
C TRP B 36 -6.57 -0.46 8.44
N VAL B 37 -7.21 0.66 8.81
CA VAL B 37 -6.52 1.91 9.11
C VAL B 37 -7.06 2.47 10.42
N LYS B 38 -6.16 2.95 11.28
CA LYS B 38 -6.53 3.54 12.57
C LYS B 38 -6.38 5.05 12.53
N GLN B 39 -7.29 5.76 13.20
CA GLN B 39 -7.20 7.22 13.30
C GLN B 39 -7.72 7.66 14.67
N ARG B 40 -6.82 8.14 15.51
CA ARG B 40 -7.23 8.77 16.76
C ARG B 40 -7.84 10.14 16.46
N THR B 41 -8.68 10.60 17.39
CA THR B 41 -9.37 11.87 17.22
C THR B 41 -8.37 13.00 16.99
N GLY B 42 -8.55 13.74 15.90
CA GLY B 42 -7.69 14.85 15.58
C GLY B 42 -6.28 14.50 15.12
N GLN B 43 -5.99 13.22 14.90
CA GLN B 43 -4.66 12.79 14.49
C GLN B 43 -4.72 12.14 13.11
N GLY B 44 -3.59 11.60 12.68
CA GLY B 44 -3.44 11.08 11.34
C GLY B 44 -3.84 9.63 11.19
N LEU B 45 -3.66 9.13 9.97
CA LEU B 45 -3.99 7.75 9.61
C LEU B 45 -2.76 6.87 9.82
N GLU B 46 -3.01 5.66 10.25
CA GLU B 46 -2.03 4.64 10.49
C GLU B 46 -2.45 3.28 9.89
N TRP B 47 -1.58 2.61 9.10
CA TRP B 47 -1.93 1.32 8.53
C TRP B 47 -1.77 0.22 9.59
N ILE B 48 -2.83 -0.55 9.80
CA ILE B 48 -2.80 -1.66 10.75
C ILE B 48 -2.33 -2.94 10.08
N GLY B 49 -2.93 -3.27 8.94
CA GLY B 49 -2.67 -4.53 8.28
C GLY B 49 -3.70 -4.74 7.18
N GLU B 50 -3.63 -5.92 6.57
CA GLU B 50 -4.52 -6.20 5.46
C GLU B 50 -4.64 -7.71 5.28
N ILE B 51 -5.74 -8.10 4.65
CA ILE B 51 -6.00 -9.50 4.31
C ILE B 51 -6.40 -9.59 2.85
N TYR B 52 -5.89 -10.62 2.18
CA TYR B 52 -6.26 -11.02 0.84
C TYR B 52 -7.34 -12.10 0.97
N PRO B 53 -8.61 -11.76 0.81
CA PRO B 53 -9.67 -12.75 1.06
C PRO B 53 -9.59 -13.97 0.16
N GLY B 54 -9.08 -13.82 -1.06
CA GLY B 54 -9.00 -14.95 -1.97
C GLY B 54 -8.07 -16.04 -1.50
N SER B 55 -6.98 -15.67 -0.82
CA SER B 55 -5.98 -16.62 -0.38
C SER B 55 -5.83 -16.71 1.13
N GLY B 56 -6.39 -15.77 1.88
CA GLY B 56 -6.17 -15.71 3.31
C GLY B 56 -4.86 -15.11 3.75
N THR B 57 -4.03 -14.65 2.82
CA THR B 57 -2.74 -14.08 3.19
C THR B 57 -2.94 -12.77 3.95
N THR B 58 -2.21 -12.60 5.05
CA THR B 58 -2.34 -11.41 5.87
C THR B 58 -0.98 -10.74 6.04
N TYR B 59 -1.02 -9.43 6.23
CA TYR B 59 0.17 -8.66 6.61
C TYR B 59 -0.20 -7.71 7.73
N TYR B 60 0.71 -7.55 8.69
CA TYR B 60 0.46 -6.74 9.88
C TYR B 60 1.57 -5.72 10.07
N ASN B 61 1.18 -4.51 10.46
CA ASN B 61 2.13 -3.55 11.01
C ASN B 61 2.70 -4.09 12.30
N GLU B 62 4.03 -4.05 12.43
CA GLU B 62 4.69 -4.56 13.63
C GLU B 62 4.10 -3.99 14.90
N LYS B 63 3.63 -2.75 14.86
CA LYS B 63 3.05 -2.10 16.04
C LYS B 63 1.69 -2.68 16.44
N PHE B 64 1.06 -3.47 15.57
CA PHE B 64 -0.26 -4.03 15.83
C PHE B 64 -0.26 -5.55 15.84
N LYS B 65 0.90 -6.19 15.74
CA LYS B 65 0.91 -7.63 15.67
C LYS B 65 0.36 -8.36 16.88
N ASP B 66 0.47 -7.77 18.04
CA ASP B 66 -0.07 -8.39 19.24
C ASP B 66 -1.43 -7.80 19.61
N LYS B 67 -1.98 -6.95 18.76
CA LYS B 67 -3.22 -6.23 19.03
C LYS B 67 -4.36 -6.61 18.10
N ALA B 68 -4.08 -6.78 16.81
CA ALA B 68 -5.11 -7.00 15.81
C ALA B 68 -5.03 -8.40 15.22
N THR B 69 -6.20 -8.94 14.87
CA THR B 69 -6.30 -10.21 14.17
C THR B 69 -7.30 -10.03 13.03
N LEU B 70 -6.84 -10.30 11.81
CA LEU B 70 -7.63 -10.07 10.60
C LEU B 70 -8.10 -11.39 10.02
N THR B 71 -9.40 -11.49 9.73
CA THR B 71 -9.95 -12.69 9.12
C THR B 71 -10.93 -12.28 8.03
N ALA B 72 -11.36 -13.26 7.24
CA ALA B 72 -12.31 -13.01 6.18
C ALA B 72 -13.19 -14.24 5.99
N ASP B 73 -14.43 -13.99 5.56
CA ASP B 73 -15.42 -15.00 5.24
C ASP B 73 -15.90 -14.75 3.82
N LYS B 74 -15.48 -15.64 2.91
CA LYS B 74 -15.85 -15.52 1.50
C LYS B 74 -17.36 -15.66 1.31
N SER B 75 -17.98 -16.59 2.03
CA SER B 75 -19.39 -16.90 1.79
C SER B 75 -20.30 -15.71 2.10
N SER B 76 -19.91 -14.86 3.04
CA SER B 76 -20.70 -13.70 3.41
C SER B 76 -20.08 -12.39 2.93
N ASN B 77 -18.99 -12.47 2.17
CA ASN B 77 -18.30 -11.28 1.66
C ASN B 77 -17.91 -10.31 2.78
N THR B 78 -17.39 -10.86 3.88
CA THR B 78 -17.15 -10.00 5.05
C THR B 78 -15.73 -10.16 5.56
N ALA B 79 -15.10 -9.04 5.89
CA ALA B 79 -13.81 -9.04 6.57
C ALA B 79 -14.02 -8.65 8.04
N TYR B 80 -13.17 -9.17 8.91
CA TYR B 80 -13.29 -8.94 10.35
C TYR B 80 -11.94 -8.52 10.92
N MET B 81 -11.98 -7.59 11.86
CA MET B 81 -10.82 -7.26 12.67
C MET B 81 -11.16 -7.40 14.15
N GLN B 82 -10.35 -8.16 14.87
CA GLN B 82 -10.50 -8.32 16.31
C GLN B 82 -9.36 -7.62 17.02
N LEU B 83 -9.70 -6.78 18.00
CA LEU B 83 -8.74 -6.07 18.82
C LEU B 83 -8.82 -6.61 20.24
N SER B 84 -7.66 -6.93 20.80
CA SER B 84 -7.57 -7.59 22.10
C SER B 84 -6.96 -6.68 23.15
N SER B 85 -7.27 -6.96 24.41
CA SER B 85 -6.68 -6.31 25.57
C SER B 85 -6.69 -4.78 25.42
N LEU B 86 -7.89 -4.25 25.27
CA LEU B 86 -8.04 -2.85 24.88
C LEU B 86 -7.60 -1.91 26.00
N THR B 87 -6.87 -0.87 25.63
CA THR B 87 -6.47 0.22 26.50
C THR B 87 -6.97 1.54 25.93
N SER B 88 -6.79 2.62 26.68
CA SER B 88 -7.22 3.92 26.20
C SER B 88 -6.48 4.35 24.95
N GLU B 89 -5.26 3.82 24.72
CA GLU B 89 -4.55 4.09 23.48
C GLU B 89 -5.22 3.47 22.26
N ASP B 90 -6.17 2.56 22.46
CA ASP B 90 -6.89 1.92 21.36
C ASP B 90 -8.15 2.67 20.96
N SER B 91 -8.57 3.67 21.73
CA SER B 91 -9.73 4.47 21.39
C SER B 91 -9.46 5.24 20.10
N ALA B 92 -10.24 4.97 19.06
CA ALA B 92 -9.98 5.55 17.75
C ALA B 92 -11.11 5.15 16.81
N VAL B 93 -11.08 5.74 15.61
CA VAL B 93 -11.91 5.27 14.50
C VAL B 93 -11.08 4.28 13.70
N TYR B 94 -11.69 3.18 13.32
CA TYR B 94 -11.04 2.18 12.50
C TYR B 94 -11.77 2.07 11.16
N PHE B 95 -11.05 2.27 10.05
CA PHE B 95 -11.58 2.14 8.71
C PHE B 95 -11.15 0.82 8.09
N CYS B 96 -12.02 0.27 7.26
CA CYS B 96 -11.60 -0.73 6.28
C CYS B 96 -11.61 -0.06 4.90
N ALA B 97 -10.77 -0.57 4.01
CA ALA B 97 -10.66 0.01 2.68
C ALA B 97 -10.23 -1.07 1.71
N ARG B 98 -10.42 -0.80 0.42
CA ARG B 98 -10.23 -1.78 -0.63
C ARG B 98 -9.02 -1.47 -1.49
N GLY B 99 -8.24 -2.49 -1.81
CA GLY B 99 -7.16 -2.37 -2.78
C GLY B 99 -7.24 -3.47 -3.80
N GLU B 100 -6.53 -3.30 -4.91
CA GLU B 100 -6.57 -4.28 -5.99
C GLU B 100 -5.55 -5.39 -5.74
N ASP B 101 -6.04 -6.63 -5.64
CA ASP B 101 -5.14 -7.78 -5.50
C ASP B 101 -4.37 -7.98 -6.80
N GLY B 102 -3.05 -7.97 -6.71
CA GLY B 102 -2.17 -8.14 -7.83
C GLY B 102 -1.57 -6.84 -8.37
N TYR B 103 -2.14 -5.71 -8.01
CA TYR B 103 -1.58 -4.40 -8.33
C TYR B 103 -2.09 -3.43 -7.23
N TYR B 104 -1.62 -3.66 -6.02
CA TYR B 104 -2.07 -3.00 -4.82
C TYR B 104 -1.28 -1.71 -4.57
N ILE B 105 -1.83 -0.61 -5.08
CA ILE B 105 -1.14 0.68 -5.06
C ILE B 105 -2.03 1.81 -4.56
N ALA B 106 -3.17 1.48 -3.97
CA ALA B 106 -4.05 2.48 -3.38
C ALA B 106 -5.17 1.80 -2.62
N LEU B 107 -5.70 2.51 -1.64
CA LEU B 107 -6.94 2.12 -0.96
C LEU B 107 -8.05 2.95 -1.61
N ASP B 108 -8.84 2.33 -2.48
CA ASP B 108 -9.58 3.07 -3.49
C ASP B 108 -11.05 3.31 -3.14
N TYR B 109 -11.63 2.51 -2.26
CA TYR B 109 -12.87 2.87 -1.57
C TYR B 109 -12.69 2.59 -0.09
N TRP B 110 -13.38 3.36 0.74
CA TRP B 110 -13.21 3.30 2.19
C TRP B 110 -14.57 3.10 2.86
N GLY B 111 -14.56 2.33 3.95
CA GLY B 111 -15.73 2.23 4.79
C GLY B 111 -15.98 3.51 5.59
N GLN B 112 -17.14 3.56 6.24
CA GLN B 112 -17.52 4.75 6.99
C GLN B 112 -16.85 4.83 8.35
N GLY B 113 -16.16 3.79 8.78
CA GLY B 113 -15.46 3.82 10.05
C GLY B 113 -16.25 3.26 11.21
N THR B 114 -15.56 2.59 12.13
CA THR B 114 -16.13 2.07 13.37
C THR B 114 -15.38 2.71 14.53
N THR B 115 -16.11 3.43 15.38
CA THR B 115 -15.50 4.07 16.53
C THR B 115 -15.43 3.09 17.70
N VAL B 116 -14.24 2.93 18.25
CA VAL B 116 -14.02 2.13 19.45
C VAL B 116 -13.57 3.07 20.57
N THR B 117 -14.36 3.13 21.64
CA THR B 117 -14.09 3.99 22.78
C THR B 117 -13.87 3.12 24.02
N VAL B 118 -12.68 3.24 24.60
CA VAL B 118 -12.33 2.54 25.83
C VAL B 118 -12.55 3.49 26.99
N SER B 119 -13.38 3.08 27.96
CA SER B 119 -13.77 3.97 29.03
C SER B 119 -13.94 3.22 30.34
N SER B 120 -13.72 3.94 31.43
CA SER B 120 -14.17 3.50 32.75
C SER B 120 -15.66 3.79 32.90
N ASP C 1 11.93 0.89 7.38
CA ASP C 1 10.66 1.43 6.93
C ASP C 1 10.82 2.75 6.20
N ILE C 2 9.88 3.07 5.34
CA ILE C 2 9.87 4.34 4.63
C ILE C 2 9.03 5.34 5.41
N GLU C 3 9.60 6.52 5.65
CA GLU C 3 8.88 7.61 6.30
C GLU C 3 8.40 8.60 5.24
N LEU C 4 7.17 9.09 5.39
CA LEU C 4 6.61 10.10 4.52
C LEU C 4 6.40 11.37 5.33
N THR C 5 7.07 12.45 4.93
CA THR C 5 6.97 13.73 5.60
C THR C 5 6.19 14.70 4.73
N GLN C 6 5.07 15.17 5.23
CA GLN C 6 4.16 16.02 4.47
C GLN C 6 4.35 17.48 4.85
N SER C 7 4.19 18.35 3.86
CA SER C 7 4.42 19.77 4.09
C SER C 7 3.49 20.60 3.21
N PRO C 8 3.00 21.74 3.69
CA PRO C 8 3.12 22.24 5.06
C PRO C 8 2.23 21.43 5.99
N ALA C 9 2.36 21.64 7.31
CA ALA C 9 1.45 20.98 8.25
C ALA C 9 0.03 21.50 8.11
N SER C 10 -0.12 22.79 7.81
CA SER C 10 -1.43 23.39 7.64
C SER C 10 -1.28 24.65 6.80
N LEU C 11 -2.35 25.06 6.16
CA LEU C 11 -2.39 26.25 5.36
C LEU C 11 -3.83 26.74 5.21
N SER C 12 -4.02 28.03 5.05
CA SER C 12 -5.33 28.64 4.88
C SER C 12 -5.36 29.40 3.57
N ALA C 13 -6.38 29.14 2.76
CA ALA C 13 -6.48 29.73 1.44
C ALA C 13 -7.93 30.06 1.15
N SER C 14 -8.16 30.75 0.03
CA SER C 14 -9.47 31.23 -0.35
C SER C 14 -9.96 30.52 -1.60
N VAL C 15 -11.28 30.40 -1.71
CA VAL C 15 -11.90 29.80 -2.88
C VAL C 15 -11.40 30.48 -4.14
N GLY C 16 -11.09 29.66 -5.16
CA GLY C 16 -10.63 30.16 -6.43
C GLY C 16 -9.13 30.23 -6.59
N GLU C 17 -8.36 30.12 -5.51
CA GLU C 17 -6.92 30.25 -5.60
C GLU C 17 -6.26 28.88 -5.76
N THR C 18 -4.94 28.91 -5.97
CA THR C 18 -4.14 27.73 -6.22
C THR C 18 -3.29 27.42 -4.99
N VAL C 19 -3.15 26.14 -4.62
CA VAL C 19 -2.26 25.73 -3.57
C VAL C 19 -1.51 24.44 -3.94
N THR C 20 -0.39 24.27 -3.30
CA THR C 20 0.45 23.10 -3.53
C THR C 20 0.94 22.54 -2.22
N ILE C 21 0.81 21.21 -2.05
CA ILE C 21 1.30 20.51 -0.87
C ILE C 21 2.21 19.37 -1.34
N THR C 22 3.09 18.92 -0.45
CA THR C 22 4.15 18.00 -0.83
C THR C 22 4.25 16.85 0.15
N CYS C 23 4.84 15.76 -0.34
CA CYS C 23 5.10 14.54 0.40
C CYS C 23 6.50 14.07 0.04
N ARG C 24 7.40 14.01 1.02
CA ARG C 24 8.78 13.63 0.82
C ARG C 24 9.00 12.25 1.41
N ALA C 25 9.47 11.30 0.60
CA ALA C 25 9.72 9.95 1.07
C ALA C 25 11.18 9.80 1.49
N SER C 26 11.41 9.00 2.53
CA SER C 26 12.76 8.76 3.01
C SER C 26 13.56 7.83 2.10
N GLY C 27 12.91 7.17 1.14
CA GLY C 27 13.59 6.34 0.17
C GLY C 27 12.79 6.28 -1.11
N ASN C 28 13.41 5.73 -2.15
CA ASN C 28 12.76 5.61 -3.44
C ASN C 28 11.53 4.72 -3.35
N ILE C 29 10.37 5.27 -3.72
CA ILE C 29 9.11 4.52 -3.73
C ILE C 29 8.59 4.30 -5.14
N HIS C 30 9.40 4.61 -6.16
CA HIS C 30 9.10 4.26 -7.55
C HIS C 30 7.74 4.79 -8.01
N ASN C 31 7.38 5.98 -7.52
CA ASN C 31 6.18 6.70 -7.88
C ASN C 31 4.89 6.08 -7.33
N TYR C 32 4.99 5.08 -6.46
CA TYR C 32 3.79 4.44 -5.92
C TYR C 32 3.31 5.20 -4.69
N LEU C 33 2.79 6.40 -4.96
CA LEU C 33 2.34 7.35 -3.95
C LEU C 33 0.88 7.69 -4.23
N ALA C 34 0.02 7.50 -3.24
CA ALA C 34 -1.38 7.84 -3.32
C ALA C 34 -1.68 9.05 -2.45
N TRP C 35 -2.64 9.86 -2.91
CA TRP C 35 -3.15 11.03 -2.21
C TRP C 35 -4.62 10.83 -1.92
N TYR C 36 -5.03 11.15 -0.69
CA TYR C 36 -6.39 11.09 -0.20
C TYR C 36 -6.82 12.43 0.41
N GLN C 37 -8.08 12.73 0.28
CA GLN C 37 -8.71 13.84 0.97
C GLN C 37 -9.69 13.30 2.01
N GLN C 38 -9.73 13.94 3.17
CA GLN C 38 -10.63 13.56 4.26
C GLN C 38 -11.25 14.82 4.83
N LYS C 39 -12.57 14.93 4.74
CA LYS C 39 -13.25 16.05 5.34
C LYS C 39 -13.68 15.71 6.75
N GLN C 40 -13.95 16.76 7.54
CA GLN C 40 -14.27 16.64 8.95
C GLN C 40 -15.33 15.57 9.20
N GLY C 41 -14.97 14.55 9.97
CA GLY C 41 -15.90 13.49 10.33
C GLY C 41 -16.34 12.61 9.18
N LYS C 42 -15.51 12.47 8.15
CA LYS C 42 -15.84 11.64 6.99
C LYS C 42 -14.69 10.67 6.73
N SER C 43 -14.92 9.73 5.81
CA SER C 43 -13.91 8.78 5.42
C SER C 43 -12.95 9.39 4.39
N PRO C 44 -11.69 8.96 4.38
CA PRO C 44 -10.78 9.40 3.33
C PRO C 44 -11.29 9.00 1.95
N GLN C 45 -10.96 9.84 0.97
CA GLN C 45 -11.36 9.64 -0.42
C GLN C 45 -10.10 9.63 -1.28
N LEU C 46 -9.95 8.60 -2.11
CA LEU C 46 -8.80 8.54 -2.99
C LEU C 46 -8.87 9.64 -4.04
N LEU C 47 -7.80 10.42 -4.14
CA LEU C 47 -7.67 11.45 -5.16
C LEU C 47 -6.70 11.05 -6.27
N VAL C 48 -5.52 10.57 -5.90
CA VAL C 48 -4.45 10.32 -6.86
C VAL C 48 -3.77 9.01 -6.52
N TYR C 49 -3.39 8.23 -7.53
CA TYR C 49 -2.56 7.05 -7.32
C TYR C 49 -1.43 7.03 -8.34
N LYS C 50 -0.39 6.27 -8.02
CA LYS C 50 0.88 6.27 -8.76
C LYS C 50 1.34 7.69 -9.08
N ALA C 51 1.11 8.58 -8.12
CA ALA C 51 1.67 9.92 -7.99
C ALA C 51 1.12 10.94 -8.98
N GLN C 52 0.49 10.52 -10.08
CA GLN C 52 -0.04 11.48 -11.02
C GLN C 52 -1.36 11.08 -11.67
N THR C 53 -1.90 9.90 -11.39
CA THR C 53 -3.12 9.45 -12.03
C THR C 53 -4.31 9.81 -11.14
N LEU C 54 -5.24 10.59 -11.69
CA LEU C 54 -6.43 10.95 -10.95
C LEU C 54 -7.37 9.76 -10.85
N ALA C 55 -7.96 9.57 -9.67
CA ALA C 55 -8.96 8.54 -9.48
C ALA C 55 -10.25 8.92 -10.21
N ASP C 56 -11.13 7.93 -10.37
CA ASP C 56 -12.40 8.16 -11.04
C ASP C 56 -13.20 9.24 -10.33
N GLY C 57 -13.74 10.19 -11.10
CA GLY C 57 -14.56 11.24 -10.56
C GLY C 57 -13.82 12.46 -10.06
N VAL C 58 -12.51 12.40 -9.94
CA VAL C 58 -11.74 13.53 -9.41
C VAL C 58 -11.61 14.59 -10.50
N PRO C 59 -11.96 15.84 -10.23
CA PRO C 59 -11.92 16.86 -11.28
C PRO C 59 -10.48 17.25 -11.64
N SER C 60 -10.34 17.80 -12.84
CA SER C 60 -9.02 18.03 -13.42
C SER C 60 -8.25 19.17 -12.76
N ARG C 61 -8.85 19.91 -11.83
CA ARG C 61 -8.08 20.94 -11.12
C ARG C 61 -7.11 20.34 -10.12
N PHE C 62 -7.22 19.05 -9.81
CA PHE C 62 -6.21 18.33 -9.04
C PHE C 62 -5.15 17.79 -9.98
N SER C 63 -3.89 17.87 -9.56
CA SER C 63 -2.83 17.26 -10.36
C SER C 63 -1.71 16.81 -9.44
N GLY C 64 -1.22 15.60 -9.69
CA GLY C 64 -0.11 15.04 -8.93
C GLY C 64 1.13 14.97 -9.81
N SER C 65 2.28 15.23 -9.19
CA SER C 65 3.55 15.09 -9.86
C SER C 65 4.57 14.67 -8.81
N GLY C 66 5.78 14.39 -9.27
CA GLY C 66 6.84 13.97 -8.40
C GLY C 66 7.45 12.65 -8.82
N SER C 67 8.60 12.36 -8.24
CA SER C 67 9.30 11.12 -8.53
C SER C 67 10.39 10.95 -7.48
N GLY C 68 11.06 9.79 -7.53
CA GLY C 68 12.08 9.49 -6.56
C GLY C 68 11.47 9.56 -5.17
N THR C 69 11.82 10.63 -4.46
CA THR C 69 11.38 10.82 -3.09
C THR C 69 10.54 12.08 -2.87
N GLN C 70 10.36 12.94 -3.87
CA GLN C 70 9.63 14.20 -3.68
C GLN C 70 8.41 14.22 -4.57
N TYR C 71 7.23 14.41 -3.97
CA TYR C 71 5.96 14.40 -4.69
C TYR C 71 5.12 15.60 -4.29
N SER C 72 4.28 16.05 -5.20
CA SER C 72 3.50 17.27 -5.05
C SER C 72 2.08 17.02 -5.52
N LEU C 73 1.13 17.56 -4.76
CA LEU C 73 -0.27 17.66 -5.14
C LEU C 73 -0.63 19.13 -5.29
N LYS C 74 -1.17 19.49 -6.45
CA LYS C 74 -1.52 20.87 -6.76
C LYS C 74 -3.02 20.96 -6.99
N ILE C 75 -3.66 21.90 -6.32
CA ILE C 75 -5.09 22.17 -6.48
C ILE C 75 -5.24 23.57 -7.05
N ASN C 76 -5.69 23.65 -8.29
CA ASN C 76 -6.06 24.91 -8.91
C ASN C 76 -7.50 25.25 -8.56
N SER C 77 -7.79 26.55 -8.55
CA SER C 77 -9.16 27.05 -8.44
C SER C 77 -9.93 26.37 -7.31
N LEU C 78 -9.41 26.52 -6.10
CA LEU C 78 -9.99 25.89 -4.92
C LEU C 78 -11.50 26.11 -4.85
N GLN C 79 -12.22 25.05 -4.53
CA GLN C 79 -13.64 25.07 -4.32
C GLN C 79 -13.96 24.75 -2.86
N PRO C 80 -15.13 25.14 -2.37
CA PRO C 80 -15.43 24.92 -0.94
C PRO C 80 -15.29 23.47 -0.50
N GLU C 81 -15.60 22.51 -1.38
CA GLU C 81 -15.51 21.11 -1.03
C GLU C 81 -14.08 20.59 -0.94
N ASP C 82 -13.09 21.41 -1.34
CA ASP C 82 -11.70 20.96 -1.34
C ASP C 82 -11.03 21.05 0.02
N PHE C 83 -11.65 21.75 0.97
CA PHE C 83 -11.09 21.92 2.32
C PHE C 83 -11.18 20.68 3.17
N GLY C 84 -10.19 20.45 4.01
CA GLY C 84 -10.11 19.24 4.80
C GLY C 84 -8.64 18.85 4.97
N SER C 85 -8.41 17.61 5.35
CA SER C 85 -7.04 17.12 5.51
C SER C 85 -6.66 16.24 4.33
N TYR C 86 -5.40 16.30 3.96
CA TYR C 86 -4.88 15.50 2.85
C TYR C 86 -3.75 14.62 3.37
N TYR C 87 -3.75 13.37 2.91
CA TYR C 87 -2.77 12.38 3.34
C TYR C 87 -2.13 11.73 2.12
N CYS C 88 -0.84 11.41 2.23
CA CYS C 88 -0.16 10.58 1.24
C CYS C 88 0.14 9.22 1.84
N GLN C 89 0.33 8.24 0.96
CA GLN C 89 0.60 6.87 1.37
C GLN C 89 1.39 6.18 0.28
N HIS C 90 2.36 5.36 0.65
CA HIS C 90 3.16 4.65 -0.34
C HIS C 90 2.86 3.15 -0.31
N PHE C 91 3.02 2.50 -1.46
CA PHE C 91 2.78 1.06 -1.58
C PHE C 91 3.94 0.35 -2.26
N TRP C 92 5.18 0.81 -2.04
CA TRP C 92 6.33 0.25 -2.75
C TRP C 92 7.00 -0.85 -1.93
N SER C 93 7.10 -1.99 -2.58
CA SER C 93 7.93 -3.09 -2.16
C SER C 93 7.64 -3.92 -0.92
N THR C 94 7.54 -3.26 0.22
CA THR C 94 7.33 -3.99 1.45
C THR C 94 6.68 -3.15 2.51
N PRO C 95 5.76 -3.76 3.28
CA PRO C 95 5.06 -2.98 4.31
C PRO C 95 6.04 -2.52 5.39
N PRO C 96 5.62 -1.60 6.27
CA PRO C 96 4.29 -0.98 6.37
C PRO C 96 4.02 0.03 5.26
N TRP C 97 2.76 0.10 4.81
CA TRP C 97 2.31 1.08 3.83
C TRP C 97 2.00 2.37 4.58
N THR C 98 3.05 3.08 4.94
CA THR C 98 2.93 4.19 5.88
C THR C 98 2.24 5.40 5.23
N PHE C 99 1.56 6.17 6.08
CA PHE C 99 0.93 7.42 5.70
C PHE C 99 1.83 8.59 6.08
N GLY C 100 1.74 9.67 5.32
CA GLY C 100 2.26 10.94 5.77
C GLY C 100 1.46 11.46 6.95
N GLY C 101 2.03 12.46 7.63
CA GLY C 101 1.40 13.01 8.81
C GLY C 101 0.16 13.84 8.56
N GLY C 102 -0.12 14.18 7.31
CA GLY C 102 -1.32 14.94 6.98
C GLY C 102 -1.05 16.42 6.86
N THR C 103 -1.81 17.06 5.97
CA THR C 103 -1.80 18.50 5.79
C THR C 103 -3.22 19.02 5.91
N LYS C 104 -3.43 20.05 6.74
CA LYS C 104 -4.74 20.61 6.99
C LYS C 104 -4.93 21.86 6.11
N LEU C 105 -5.85 21.78 5.15
CA LEU C 105 -6.21 22.90 4.29
C LEU C 105 -7.54 23.46 4.77
N GLU C 106 -7.54 24.72 5.23
CA GLU C 106 -8.74 25.34 5.78
C GLU C 106 -9.00 26.69 5.11
N ILE C 107 -10.23 27.24 5.31
CA ILE C 107 -10.61 28.53 4.73
C ILE C 107 -9.94 29.66 5.48
N LYS C 108 -9.59 30.69 4.73
CA LYS C 108 -8.98 31.88 5.30
C LYS C 108 -9.83 32.49 6.41
#